data_2W2R
#
_entry.id   2W2R
#
_cell.length_a   86.260
_cell.length_b   86.260
_cell.length_c   70.320
_cell.angle_alpha   90.00
_cell.angle_beta   90.00
_cell.angle_gamma   90.00
#
_symmetry.space_group_name_H-M   'I 4'
#
loop_
_entity.id
_entity.type
_entity.pdbx_description
1 polymer 'MATRIX PROTEIN'
2 water water
#
_entity_poly.entity_id   1
_entity_poly.type   'polypeptide(L)'
_entity_poly.pdbx_seq_one_letter_code
;SSFKKILGLSSKSHKKSKK(MSE)GLPPPYDESSP(MSE)ETQPSAPLSNDFFG(MSE)ED(MSE)DLYDKDSLRYEKFR
F(MSE)LK(MSE)TVRSNKPFRSYDDVTAAVSQWDNSYIG(MSE)VGKRPFYKIIALIGSSHLQATPAVLADLNQPEYYA
TLTGRCFLPHRLGLIPP(MSE)FNVSETFRKPFNIGIYKGTLDFTFTVSDDESNEKVPHVWEY(MSE)NPKYQSQIQKEG
LKFGLILSKKATGTWVLDQLSPFK
;
_entity_poly.pdbx_strand_id   A
#
# COMPACT_ATOMS: atom_id res chain seq x y z
N LEU A 40 -17.24 11.48 11.48
CA LEU A 40 -18.00 11.67 10.21
C LEU A 40 -17.00 11.73 9.08
N SER A 41 -17.35 11.08 7.99
CA SER A 41 -16.47 10.92 6.82
C SER A 41 -16.02 12.25 6.22
N ASN A 42 -16.62 13.32 6.70
CA ASN A 42 -16.41 14.64 6.13
C ASN A 42 -15.20 15.34 6.72
N ASP A 43 -14.87 14.95 7.95
CA ASP A 43 -13.78 15.58 8.69
C ASP A 43 -12.55 14.69 8.81
N PHE A 44 -12.76 13.39 8.73
CA PHE A 44 -11.69 12.42 8.99
C PHE A 44 -11.67 11.28 7.98
N PHE A 45 -10.47 10.80 7.74
CA PHE A 45 -10.25 9.66 6.85
C PHE A 45 -10.79 8.37 7.46
N GLY A 46 -11.31 7.50 6.59
CA GLY A 46 -11.57 6.09 6.92
C GLY A 46 -12.82 5.88 7.77
N GLU A 48 -16.03 5.81 6.73
CA GLU A 48 -17.18 5.38 5.93
C GLU A 48 -17.91 4.21 6.58
N ASP A 49 -17.14 3.27 7.13
CA ASP A 49 -17.71 2.09 7.80
C ASP A 49 -18.45 2.50 9.04
N ASP A 51 -19.76 5.52 9.95
CA ASP A 51 -21.01 6.06 9.39
C ASP A 51 -21.89 4.92 8.87
N SER A 57 13.45 -2.67 -20.51
CA SER A 57 12.16 -2.19 -21.07
C SER A 57 10.94 -2.63 -20.23
N LEU A 58 9.79 -2.35 -20.75
CA LEU A 58 8.53 -2.55 -20.03
C LEU A 58 8.14 -4.02 -19.94
N ARG A 59 7.87 -4.43 -18.72
CA ARG A 59 7.37 -5.78 -18.41
CA ARG A 59 7.35 -5.77 -18.46
C ARG A 59 6.10 -5.68 -17.59
N TYR A 60 5.28 -6.71 -17.71
CA TYR A 60 4.10 -6.87 -16.86
C TYR A 60 4.39 -8.10 -16.02
N GLU A 61 4.32 -7.93 -14.71
CA GLU A 61 4.55 -9.07 -13.81
C GLU A 61 3.18 -9.50 -13.27
N LYS A 62 2.87 -10.77 -13.42
CA LYS A 62 1.57 -11.31 -13.00
C LYS A 62 1.74 -11.94 -11.63
N PHE A 63 1.05 -11.40 -10.65
CA PHE A 63 1.19 -11.90 -9.29
C PHE A 63 -0.11 -11.99 -8.54
N ARG A 64 -0.07 -12.72 -7.44
CA ARG A 64 -1.17 -12.70 -6.53
C ARG A 64 -0.69 -12.20 -5.19
N PHE A 65 -1.62 -11.63 -4.46
CA PHE A 65 -1.30 -11.01 -3.18
C PHE A 65 -2.39 -11.14 -2.16
N LEU A 67 -3.02 -9.03 1.72
CA LEU A 67 -2.58 -8.09 2.73
C LEU A 67 -3.57 -8.01 3.89
N LYS A 68 -2.97 -7.84 5.06
CA LYS A 68 -3.68 -7.49 6.28
C LYS A 68 -2.87 -6.37 6.93
N THR A 70 -2.87 -3.21 9.82
CA THR A 70 -3.35 -2.46 10.98
C THR A 70 -2.48 -1.23 11.21
N VAL A 71 -3.14 -0.10 11.40
CA VAL A 71 -2.46 1.13 11.77
C VAL A 71 -3.08 1.69 13.04
N ARG A 72 -2.23 1.97 14.01
CA ARG A 72 -2.64 2.55 15.28
C ARG A 72 -1.99 3.92 15.45
N SER A 73 -2.81 4.94 15.67
CA SER A 73 -2.34 6.30 15.71
C SER A 73 -2.74 6.99 17.01
N ASN A 74 -2.10 8.12 17.26
CA ASN A 74 -2.35 8.91 18.48
C ASN A 74 -3.60 9.78 18.36
N LYS A 75 -3.93 10.10 17.11
CA LYS A 75 -5.02 11.01 16.73
C LYS A 75 -5.57 10.52 15.41
N PRO A 76 -6.86 10.72 15.16
CA PRO A 76 -7.41 10.24 13.88
C PRO A 76 -6.89 11.03 12.69
N PHE A 77 -6.52 10.32 11.64
CA PHE A 77 -6.01 10.98 10.42
C PHE A 77 -7.09 11.82 9.77
N ARG A 78 -6.72 13.03 9.42
CA ARG A 78 -7.66 13.97 8.79
C ARG A 78 -7.82 13.68 7.30
N SER A 79 -6.74 13.22 6.68
CA SER A 79 -6.80 12.98 5.26
C SER A 79 -5.94 11.82 4.81
N TYR A 80 -6.23 11.40 3.59
CA TYR A 80 -5.53 10.27 2.98
C TYR A 80 -4.03 10.50 2.90
N ASP A 81 -3.57 11.72 2.61
CA ASP A 81 -2.11 11.94 2.58
C ASP A 81 -1.42 11.85 3.95
N ASP A 82 -2.19 11.97 5.03
CA ASP A 82 -1.65 11.71 6.36
C ASP A 82 -1.45 10.19 6.54
N VAL A 83 -2.43 9.46 6.05
CA VAL A 83 -2.46 7.98 6.14
C VAL A 83 -1.28 7.36 5.38
N THR A 84 -1.07 7.85 4.17
CA THR A 84 -0.04 7.30 3.30
C THR A 84 1.34 7.62 3.86
N ALA A 85 1.45 8.80 4.46
CA ALA A 85 2.71 9.19 5.10
C ALA A 85 3.06 8.23 6.21
N ALA A 86 2.08 7.91 7.05
CA ALA A 86 2.26 6.94 8.14
C ALA A 86 2.62 5.53 7.62
N VAL A 87 1.81 5.06 6.70
CA VAL A 87 1.92 3.69 6.14
C VAL A 87 3.28 3.49 5.48
N SER A 88 3.74 4.55 4.82
CA SER A 88 4.95 4.49 4.00
C SER A 88 6.19 4.26 4.84
N GLN A 89 6.06 4.45 6.14
CA GLN A 89 7.20 4.27 7.06
C GLN A 89 7.49 2.80 7.34
N TRP A 90 6.66 1.91 6.81
CA TRP A 90 6.76 0.46 7.15
C TRP A 90 8.13 -0.15 6.82
N ASP A 91 8.78 0.38 5.78
CA ASP A 91 10.09 -0.16 5.35
C ASP A 91 11.22 0.85 5.39
N ASN A 92 11.15 1.75 6.37
CA ASN A 92 12.28 2.71 6.58
C ASN A 92 13.53 1.89 6.85
N SER A 93 13.33 0.81 7.59
CA SER A 93 14.32 -0.27 7.66
C SER A 93 13.63 -1.52 7.10
N TYR A 94 14.41 -2.39 6.49
CA TYR A 94 13.84 -3.56 5.81
C TYR A 94 14.76 -4.75 5.81
N ILE A 95 14.24 -5.88 6.30
CA ILE A 95 14.97 -7.15 6.21
C ILE A 95 14.17 -8.27 5.58
N GLY A 96 13.12 -7.92 4.86
CA GLY A 96 12.34 -8.92 4.12
C GLY A 96 13.01 -9.34 2.84
N VAL A 98 14.33 -9.37 -0.67
CA VAL A 98 14.76 -8.22 -1.49
C VAL A 98 13.91 -8.03 -2.76
N GLY A 99 13.64 -9.15 -3.42
CA GLY A 99 12.88 -9.16 -4.65
C GLY A 99 11.41 -8.83 -4.49
N LYS A 100 10.91 -8.89 -3.27
CA LYS A 100 9.48 -8.64 -3.03
C LYS A 100 9.21 -7.21 -2.64
N ARG A 101 10.27 -6.52 -2.26
CA ARG A 101 10.13 -5.17 -1.71
C ARG A 101 9.30 -4.23 -2.60
N PRO A 102 9.54 -4.25 -3.92
CA PRO A 102 8.71 -3.40 -4.78
C PRO A 102 7.23 -3.74 -4.78
N PHE A 103 6.92 -5.02 -4.71
CA PHE A 103 5.53 -5.48 -4.69
C PHE A 103 4.88 -5.15 -3.36
N TYR A 104 5.66 -5.29 -2.29
CA TYR A 104 5.16 -4.90 -0.95
C TYR A 104 4.83 -3.43 -0.89
N LYS A 105 5.69 -2.60 -1.49
CA LYS A 105 5.45 -1.16 -1.53
C LYS A 105 4.14 -0.87 -2.26
N ILE A 106 3.98 -1.54 -3.39
CA ILE A 106 2.78 -1.37 -4.23
C ILE A 106 1.50 -1.77 -3.47
N ILE A 107 1.51 -2.94 -2.82
CA ILE A 107 0.29 -3.37 -2.15
C ILE A 107 0.03 -2.60 -0.85
N ALA A 108 1.09 -2.06 -0.26
CA ALA A 108 0.94 -1.19 0.91
C ALA A 108 0.23 0.09 0.47
N LEU A 109 0.56 0.57 -0.71
CA LEU A 109 -0.11 1.77 -1.25
C LEU A 109 -1.59 1.47 -1.52
N ILE A 110 -1.84 0.37 -2.22
CA ILE A 110 -3.21 -0.08 -2.57
C ILE A 110 -4.04 -0.31 -1.30
N GLY A 111 -3.47 -1.08 -0.41
CA GLY A 111 -4.10 -1.40 0.87
C GLY A 111 -4.44 -0.19 1.71
N SER A 112 -3.53 0.78 1.72
CA SER A 112 -3.76 2.03 2.50
C SER A 112 -5.09 2.71 2.12
N SER A 113 -5.45 2.59 0.84
CA SER A 113 -6.62 3.28 0.30
C SER A 113 -7.90 2.65 0.83
N HIS A 114 -7.75 1.45 1.36
CA HIS A 114 -8.87 0.69 1.91
C HIS A 114 -8.96 0.70 3.42
N LEU A 115 -7.99 1.31 4.07
CA LEU A 115 -8.01 1.39 5.54
C LEU A 115 -9.30 2.06 6.04
N GLN A 116 -9.87 1.41 7.04
CA GLN A 116 -11.08 1.90 7.70
C GLN A 116 -10.92 1.88 9.19
N ALA A 117 -11.37 2.95 9.80
CA ALA A 117 -11.38 3.11 11.27
C ALA A 117 -12.27 2.06 11.88
N THR A 118 -11.76 1.50 12.97
CA THR A 118 -12.51 0.57 13.80
C THR A 118 -13.15 1.34 14.94
N PRO A 119 -13.99 0.66 15.74
CA PRO A 119 -14.67 1.37 16.82
C PRO A 119 -13.74 1.83 17.91
N ALA A 120 -12.46 1.47 17.82
CA ALA A 120 -11.48 1.91 18.81
C ALA A 120 -11.58 3.41 18.99
N VAL A 121 -11.70 4.13 17.89
CA VAL A 121 -11.82 5.59 17.97
C VAL A 121 -13.13 6.07 18.68
N LEU A 122 -14.15 5.23 18.76
CA LEU A 122 -15.37 5.63 19.50
C LEU A 122 -15.30 5.28 21.01
N ALA A 123 -14.44 4.32 21.32
CA ALA A 123 -14.15 3.94 22.72
C ALA A 123 -13.21 4.98 23.31
N ASP A 124 -12.22 5.33 22.50
CA ASP A 124 -11.23 6.32 22.89
C ASP A 124 -10.75 7.10 21.67
N LEU A 125 -11.12 8.37 21.66
CA LEU A 125 -10.84 9.26 20.51
C LEU A 125 -9.34 9.36 20.31
N ASN A 126 -8.64 8.96 21.36
CA ASN A 126 -7.17 9.00 21.40
C ASN A 126 -6.48 7.66 21.14
N GLN A 127 -7.28 6.61 20.90
CA GLN A 127 -6.73 5.31 20.46
CA GLN A 127 -6.72 5.32 20.46
C GLN A 127 -7.26 4.86 19.10
N PRO A 128 -7.17 5.74 18.09
CA PRO A 128 -7.59 5.42 16.73
C PRO A 128 -6.85 4.19 16.20
N GLU A 129 -7.60 3.29 15.60
CA GLU A 129 -7.03 2.10 14.95
C GLU A 129 -7.74 1.92 13.62
N TYR A 130 -6.99 1.47 12.62
CA TYR A 130 -7.52 1.31 11.28
C TYR A 130 -7.11 -0.06 10.77
N TYR A 131 -7.96 -0.65 9.96
CA TYR A 131 -7.69 -1.97 9.41
C TYR A 131 -8.12 -2.10 7.96
N ALA A 132 -7.35 -2.89 7.23
CA ALA A 132 -7.67 -3.26 5.85
C ALA A 132 -7.22 -4.66 5.56
N THR A 133 -8.03 -5.38 4.80
CA THR A 133 -7.60 -6.66 4.29
C THR A 133 -8.03 -6.77 2.85
N LEU A 134 -7.18 -7.35 2.03
CA LEU A 134 -7.46 -7.47 0.59
C LEU A 134 -6.67 -8.61 0.00
N THR A 135 -7.29 -9.29 -0.95
CA THR A 135 -6.60 -10.30 -1.74
CA THR A 135 -6.59 -10.29 -1.73
C THR A 135 -6.90 -10.08 -3.21
N GLY A 136 -5.98 -10.47 -4.05
CA GLY A 136 -6.16 -10.30 -5.47
C GLY A 136 -5.11 -10.95 -6.33
N ARG A 137 -5.32 -10.80 -7.61
CA ARG A 137 -4.39 -11.25 -8.64
C ARG A 137 -4.39 -10.19 -9.71
N CYS A 138 -3.22 -9.90 -10.27
CA CYS A 138 -3.08 -8.77 -11.18
C CYS A 138 -1.74 -8.69 -11.89
N PHE A 139 -1.67 -7.74 -12.82
CA PHE A 139 -0.43 -7.35 -13.50
C PHE A 139 0.16 -6.12 -12.83
N LEU A 140 1.48 -6.09 -12.63
CA LEU A 140 2.21 -4.83 -12.36
C LEU A 140 3.07 -4.46 -13.57
N PRO A 141 2.75 -3.36 -14.28
CA PRO A 141 3.66 -2.88 -15.31
C PRO A 141 4.84 -2.18 -14.68
N HIS A 142 6.04 -2.55 -15.11
CA HIS A 142 7.24 -1.97 -14.52
C HIS A 142 8.43 -2.04 -15.44
N ARG A 143 9.42 -1.23 -15.10
CA ARG A 143 10.67 -1.13 -15.85
C ARG A 143 11.89 -1.53 -15.03
N LEU A 144 11.65 -2.41 -14.08
CA LEU A 144 12.72 -2.83 -13.15
C LEU A 144 13.58 -3.96 -13.63
N GLY A 145 13.20 -4.56 -14.74
CA GLY A 145 13.90 -5.73 -15.28
C GLY A 145 13.33 -7.05 -14.82
N LEU A 146 14.12 -8.09 -14.96
CA LEU A 146 13.66 -9.45 -14.65
C LEU A 146 13.47 -9.61 -13.15
N ILE A 147 12.34 -10.19 -12.79
CA ILE A 147 11.98 -10.37 -11.38
C ILE A 147 12.07 -11.85 -11.05
N PRO A 148 12.96 -12.23 -10.13
CA PRO A 148 13.00 -13.63 -9.70
C PRO A 148 11.66 -14.13 -9.15
N PRO A 149 11.39 -15.41 -9.37
CA PRO A 149 10.14 -16.00 -8.92
C PRO A 149 9.91 -15.80 -7.44
N PHE A 151 7.49 -16.83 -4.07
CA PHE A 151 6.81 -17.98 -3.51
C PHE A 151 5.79 -17.60 -2.43
N ASN A 152 4.90 -18.54 -2.20
CA ASN A 152 3.72 -18.32 -1.35
C ASN A 152 4.02 -18.46 0.15
N VAL A 153 4.69 -17.44 0.66
CA VAL A 153 5.16 -17.36 2.04
C VAL A 153 4.95 -15.95 2.53
N SER A 154 4.27 -15.77 3.66
CA SER A 154 3.96 -14.43 4.12
C SER A 154 5.11 -13.83 4.94
N GLU A 155 5.15 -12.51 4.96
CA GLU A 155 6.09 -11.77 5.81
C GLU A 155 5.31 -10.72 6.60
N THR A 156 5.68 -10.56 7.86
CA THR A 156 5.05 -9.61 8.75
C THR A 156 6.05 -8.55 9.19
N PHE A 157 5.54 -7.33 9.21
CA PHE A 157 6.29 -6.14 9.55
C PHE A 157 5.56 -5.38 10.62
N ARG A 158 6.26 -5.20 11.73
CA ARG A 158 5.76 -4.46 12.88
C ARG A 158 6.72 -3.35 13.24
N LYS A 159 6.25 -2.13 13.02
CA LYS A 159 7.13 -0.96 13.00
C LYS A 159 6.45 0.27 13.59
N PRO A 160 7.24 1.13 14.22
CA PRO A 160 6.71 2.44 14.60
C PRO A 160 6.62 3.37 13.40
N PHE A 161 5.80 4.40 13.54
CA PHE A 161 5.81 5.53 12.59
C PHE A 161 5.71 6.83 13.37
N ASN A 162 6.37 7.83 12.85
CA ASN A 162 6.29 9.19 13.40
C ASN A 162 6.41 10.18 12.28
N ILE A 163 5.32 10.89 12.03
CA ILE A 163 5.29 11.84 10.94
C ILE A 163 4.98 13.25 11.35
N GLY A 164 5.14 13.50 12.63
CA GLY A 164 4.97 14.85 13.19
C GLY A 164 3.75 14.93 14.07
N ILE A 165 2.65 15.35 13.46
CA ILE A 165 1.36 15.42 14.16
C ILE A 165 0.90 14.02 14.60
N TYR A 166 1.17 13.05 13.75
CA TYR A 166 0.76 11.67 13.97
C TYR A 166 1.93 10.75 14.27
N LYS A 167 1.70 9.84 15.19
CA LYS A 167 2.64 8.78 15.53
C LYS A 167 1.91 7.57 16.07
N GLY A 168 2.58 6.43 15.98
CA GLY A 168 1.98 5.16 16.39
C GLY A 168 2.72 3.98 15.81
N THR A 169 1.94 2.97 15.46
CA THR A 169 2.48 1.70 15.00
C THR A 169 1.75 1.16 13.81
N LEU A 170 2.50 0.33 13.11
CA LEU A 170 2.07 -0.38 11.93
C LEU A 170 2.25 -1.87 12.15
N ASP A 171 1.26 -2.64 11.74
CA ASP A 171 1.35 -4.12 11.78
C ASP A 171 0.77 -4.71 10.50
N PHE A 172 1.68 -5.08 9.60
CA PHE A 172 1.32 -5.47 8.24
C PHE A 172 1.77 -6.88 8.01
N THR A 173 0.89 -7.67 7.41
CA THR A 173 1.24 -9.01 6.90
C THR A 173 0.96 -9.06 5.42
N PHE A 174 2.01 -9.32 4.65
CA PHE A 174 1.91 -9.32 3.20
C PHE A 174 2.29 -10.68 2.66
N THR A 175 1.55 -11.10 1.65
CA THR A 175 1.93 -12.26 0.84
C THR A 175 1.87 -11.88 -0.64
N VAL A 176 2.98 -12.11 -1.31
CA VAL A 176 3.05 -11.89 -2.74
C VAL A 176 3.71 -13.12 -3.36
N SER A 177 3.08 -13.68 -4.38
CA SER A 177 3.68 -14.82 -5.08
C SER A 177 3.33 -14.78 -6.55
N ASP A 178 4.07 -15.53 -7.33
CA ASP A 178 3.80 -15.62 -8.77
C ASP A 178 2.40 -16.20 -8.97
N ASP A 179 1.71 -15.72 -9.98
CA ASP A 179 0.40 -16.27 -10.31
C ASP A 179 0.54 -17.03 -11.62
N GLU A 180 0.40 -18.33 -11.52
CA GLU A 180 0.67 -19.21 -12.65
C GLU A 180 -0.59 -19.68 -13.35
N SER A 181 -1.74 -19.37 -12.76
CA SER A 181 -3.04 -19.77 -13.34
C SER A 181 -3.28 -19.07 -14.68
N ASN A 182 -4.32 -19.50 -15.35
CA ASN A 182 -4.65 -18.98 -16.67
C ASN A 182 -5.81 -18.00 -16.65
N GLU A 183 -6.33 -17.73 -15.47
CA GLU A 183 -7.38 -16.73 -15.32
C GLU A 183 -6.84 -15.37 -15.76
N LYS A 184 -7.70 -14.61 -16.40
CA LYS A 184 -7.35 -13.27 -16.85
C LYS A 184 -7.37 -12.35 -15.64
N VAL A 185 -6.45 -11.40 -15.62
CA VAL A 185 -6.30 -10.52 -14.46
C VAL A 185 -6.34 -9.04 -14.85
N PRO A 186 -6.77 -8.20 -13.91
CA PRO A 186 -6.68 -6.77 -14.10
C PRO A 186 -5.29 -6.27 -13.82
N HIS A 187 -5.09 -4.99 -14.08
CA HIS A 187 -3.89 -4.27 -13.61
C HIS A 187 -4.07 -4.02 -12.11
N VAL A 188 -2.95 -3.98 -11.42
CA VAL A 188 -2.95 -3.88 -9.96
C VAL A 188 -3.70 -2.62 -9.51
N TRP A 189 -3.62 -1.57 -10.32
CA TRP A 189 -4.21 -0.25 -10.00
C TRP A 189 -5.72 -0.30 -9.85
N GLU A 190 -6.34 -1.30 -10.46
CA GLU A 190 -7.79 -1.47 -10.39
C GLU A 190 -8.22 -1.83 -8.98
N TYR A 191 -7.26 -2.25 -8.15
CA TYR A 191 -7.56 -2.58 -6.74
C TYR A 191 -7.54 -1.36 -5.79
N ASN A 193 -8.77 1.91 -4.12
CA ASN A 193 -10.08 2.47 -3.77
C ASN A 193 -10.36 3.61 -4.71
N PRO A 194 -11.47 3.55 -5.49
CA PRO A 194 -11.72 4.59 -6.51
C PRO A 194 -11.77 6.01 -5.96
N LYS A 195 -12.18 6.13 -4.72
CA LYS A 195 -12.19 7.42 -4.03
C LYS A 195 -10.83 8.11 -4.08
N TYR A 196 -9.77 7.30 -4.09
CA TYR A 196 -8.38 7.79 -3.99
C TYR A 196 -7.52 7.51 -5.21
N GLN A 197 -8.13 6.98 -6.26
CA GLN A 197 -7.40 6.58 -7.48
C GLN A 197 -6.66 7.73 -8.13
N SER A 198 -7.17 8.94 -7.98
CA SER A 198 -6.57 10.13 -8.60
C SER A 198 -5.27 10.55 -7.92
N GLN A 199 -4.99 9.95 -6.77
CA GLN A 199 -3.83 10.34 -5.96
C GLN A 199 -2.66 9.35 -6.03
N ILE A 200 -2.79 8.40 -6.94
CA ILE A 200 -1.79 7.32 -7.09
C ILE A 200 -0.34 7.81 -7.27
N GLN A 201 -0.13 8.73 -8.19
CA GLN A 201 1.24 9.09 -8.54
C GLN A 201 1.90 9.80 -7.40
N LYS A 202 1.17 10.75 -6.82
CA LYS A 202 1.74 11.56 -5.76
C LYS A 202 2.00 10.75 -4.50
N GLU A 203 1.03 9.94 -4.10
CA GLU A 203 1.19 9.18 -2.87
C GLU A 203 2.21 8.05 -3.05
N GLY A 204 2.33 7.53 -4.26
CA GLY A 204 3.34 6.53 -4.55
C GLY A 204 4.75 6.95 -4.21
N LEU A 205 5.04 8.24 -4.40
CA LEU A 205 6.38 8.76 -4.14
C LEU A 205 6.76 8.60 -2.67
N LYS A 206 5.78 8.64 -1.79
CA LYS A 206 6.05 8.41 -0.35
C LYS A 206 6.61 7.03 -0.09
N PHE A 207 6.24 6.11 -0.94
CA PHE A 207 6.68 4.72 -0.82
C PHE A 207 7.96 4.42 -1.59
N GLY A 208 8.47 5.43 -2.27
CA GLY A 208 9.67 5.27 -3.09
C GLY A 208 9.36 4.82 -4.49
N LEU A 209 8.08 4.83 -4.82
CA LEU A 209 7.60 4.42 -6.15
C LEU A 209 7.50 5.62 -7.10
N ILE A 210 8.21 5.54 -8.20
CA ILE A 210 8.17 6.54 -9.26
C ILE A 210 7.34 6.01 -10.40
N LEU A 211 6.13 6.51 -10.44
CA LEU A 211 5.07 6.02 -11.31
C LEU A 211 4.81 7.04 -12.41
N SER A 212 4.61 6.51 -13.61
CA SER A 212 4.16 7.35 -14.72
C SER A 212 3.22 6.64 -15.67
N LYS A 213 2.58 7.46 -16.46
CA LYS A 213 1.48 7.02 -17.31
C LYS A 213 1.60 7.61 -18.71
N LYS A 214 2.84 7.85 -19.14
CA LYS A 214 3.10 8.45 -20.45
C LYS A 214 2.90 7.47 -21.61
N ALA A 215 1.76 7.62 -22.25
CA ALA A 215 1.42 6.85 -23.47
C ALA A 215 1.40 5.34 -23.32
N THR A 216 1.07 4.86 -22.11
CA THR A 216 1.06 3.40 -21.88
C THR A 216 -0.34 2.83 -21.67
N GLY A 217 -1.24 3.69 -21.22
CA GLY A 217 -2.60 3.29 -20.91
C GLY A 217 -2.83 2.90 -19.46
N THR A 218 -1.74 2.87 -18.70
CA THR A 218 -1.76 2.36 -17.33
C THR A 218 -0.59 2.95 -16.59
N TRP A 219 -0.66 2.94 -15.27
CA TRP A 219 0.46 3.42 -14.46
C TRP A 219 1.58 2.41 -14.58
N VAL A 220 2.80 2.89 -14.67
CA VAL A 220 3.97 2.05 -14.77
C VAL A 220 4.93 2.44 -13.67
N LEU A 221 5.47 1.41 -13.01
CA LEU A 221 6.54 1.59 -12.03
C LEU A 221 7.86 1.70 -12.80
N ASP A 222 8.24 2.94 -13.02
CA ASP A 222 9.41 3.29 -13.83
C ASP A 222 10.68 3.03 -13.10
N GLN A 223 10.66 3.32 -11.82
CA GLN A 223 11.86 3.17 -10.99
C GLN A 223 11.57 3.31 -9.51
N LEU A 224 12.48 2.80 -8.70
CA LEU A 224 12.41 2.92 -7.27
C LEU A 224 13.38 4.01 -6.83
N SER A 225 12.92 4.84 -5.93
CA SER A 225 13.74 5.96 -5.45
C SER A 225 14.91 5.45 -4.61
N PRO A 226 16.12 6.00 -4.80
CA PRO A 226 17.22 5.66 -3.91
C PRO A 226 17.13 6.30 -2.54
N PHE A 227 16.14 7.16 -2.37
CA PHE A 227 15.97 7.96 -1.16
C PHE A 227 14.83 7.49 -0.27
N LYS A 228 14.26 6.33 -0.60
CA LYS A 228 13.04 5.84 0.11
C LYS A 228 12.57 4.50 -0.38
#